data_4KKN
#
_entry.id   4KKN
#
_cell.length_a   80.875
_cell.length_b   87.831
_cell.length_c   52.250
_cell.angle_alpha   90.00
_cell.angle_beta   90.00
_cell.angle_gamma   90.00
#
_symmetry.space_group_name_H-M   'C 2 2 21'
#
loop_
_entity.id
_entity.type
_entity.pdbx_description
1 polymer 'Cytotoxic T-lymphocyte associated protein 4'
2 branched alpha-D-mannopyranose-(1-3)-beta-D-mannopyranose-(1-4)-2-acetamido-2-deoxy-beta-D-glucopyranose-(1-4)-2-acetamido-2-deoxy-beta-D-glucopyranose
3 water water
#
_entity_poly.entity_id   1
_entity_poly.type   'polypeptide(L)'
_entity_poly.pdbx_seq_one_letter_code
;QDYGGKGMNVTQPPVVLASSRGVASFSCEYESSGKADEVRVTVLREAGSQVTEVCAGTYMVEDELTFLDDSTCIGTSRGN
KVNLTIQGLRAMDTGLYVCKVELMYPPPYYVGIGNGTQIYVIDPEPAENLYFQ
;
_entity_poly.pdbx_strand_id   A
#
# COMPACT_ATOMS: atom_id res chain seq x y z
N GLY A 7 4.78 4.58 18.11
CA GLY A 7 4.71 3.19 17.70
C GLY A 7 4.77 3.01 16.19
N MET A 8 3.62 2.81 15.57
CA MET A 8 3.53 2.70 14.11
C MET A 8 2.08 2.85 13.62
N ASN A 9 1.68 4.08 13.31
CA ASN A 9 0.37 4.35 12.70
C ASN A 9 0.48 4.28 11.19
N VAL A 10 -0.36 3.47 10.56
CA VAL A 10 -0.45 3.47 9.10
C VAL A 10 -1.81 4.03 8.69
N THR A 11 -1.80 5.10 7.90
CA THR A 11 -3.02 5.73 7.46
C THR A 11 -3.21 5.64 5.94
N GLN A 12 -4.43 5.28 5.53
CA GLN A 12 -4.81 5.24 4.12
C GLN A 12 -6.27 5.65 4.03
N PRO A 13 -6.69 6.21 2.89
CA PRO A 13 -8.08 6.65 2.72
C PRO A 13 -9.06 5.47 2.75
N PRO A 14 -10.23 5.67 3.37
CA PRO A 14 -11.19 4.59 3.59
C PRO A 14 -11.88 4.10 2.32
N VAL A 15 -12.10 4.99 1.35
CA VAL A 15 -12.81 4.64 0.13
C VAL A 15 -12.15 5.24 -1.11
N VAL A 16 -12.00 4.43 -2.15
CA VAL A 16 -11.61 4.96 -3.45
C VAL A 16 -12.43 4.29 -4.56
N LEU A 17 -12.56 5.00 -5.67
CA LEU A 17 -13.31 4.53 -6.82
C LEU A 17 -12.37 4.32 -8.00
N ALA A 18 -12.32 3.12 -8.55
CA ALA A 18 -11.51 2.89 -9.73
C ALA A 18 -12.07 3.72 -10.86
N SER A 19 -11.25 4.02 -11.86
CA SER A 19 -11.74 4.70 -13.05
C SER A 19 -12.51 3.72 -13.95
N SER A 20 -13.02 4.23 -15.06
CA SER A 20 -13.71 3.40 -16.04
C SER A 20 -12.73 2.42 -16.72
N ARG A 21 -11.45 2.77 -16.68
CA ARG A 21 -10.40 1.94 -17.24
C ARG A 21 -9.84 0.91 -16.24
N GLY A 22 -10.35 0.93 -15.01
CA GLY A 22 -9.94 -0.03 -13.99
C GLY A 22 -8.70 0.33 -13.17
N VAL A 23 -8.49 1.63 -12.95
CA VAL A 23 -7.33 2.12 -12.21
C VAL A 23 -7.75 2.79 -10.91
N ALA A 24 -7.20 2.33 -9.80
CA ALA A 24 -7.51 2.90 -8.50
C ALA A 24 -6.22 3.34 -7.81
N SER A 25 -6.23 4.51 -7.20
CA SER A 25 -5.02 5.04 -6.58
C SER A 25 -5.34 5.44 -5.17
N PHE A 26 -4.45 5.09 -4.23
CA PHE A 26 -4.59 5.56 -2.85
C PHE A 26 -3.22 5.79 -2.25
N SER A 27 -3.13 6.67 -1.25
CA SER A 27 -1.87 6.87 -0.57
C SER A 27 -1.82 5.98 0.65
N CYS A 28 -0.62 5.78 1.14
CA CYS A 28 -0.42 5.05 2.37
C CYS A 28 0.73 5.76 3.06
N GLU A 29 0.53 6.12 4.33
CA GLU A 29 1.48 6.97 5.03
C GLU A 29 1.70 6.38 6.43
N TYR A 30 2.92 6.48 6.97
CA TYR A 30 3.15 5.94 8.31
C TYR A 30 3.82 6.93 9.27
N GLU A 31 3.48 6.83 10.55
CA GLU A 31 4.13 7.60 11.60
C GLU A 31 4.74 6.62 12.58
N SER A 32 5.98 6.87 12.99
CA SER A 32 6.70 5.89 13.79
C SER A 32 7.83 6.54 14.55
N SER A 33 8.29 5.88 15.62
CA SER A 33 9.45 6.33 16.36
C SER A 33 10.70 5.69 15.79
N GLY A 34 10.53 4.75 14.87
CA GLY A 34 11.67 4.07 14.30
C GLY A 34 12.45 4.92 13.30
N LYS A 35 13.76 4.69 13.23
CA LYS A 35 14.59 5.38 12.25
C LYS A 35 14.62 4.61 10.94
N ALA A 36 13.51 4.69 10.21
CA ALA A 36 13.36 4.00 8.95
C ALA A 36 14.48 4.33 7.98
N ASP A 37 14.94 3.31 7.26
CA ASP A 37 15.89 3.48 6.20
C ASP A 37 15.38 2.63 5.03
N GLU A 38 15.21 1.34 5.29
CA GLU A 38 14.67 0.41 4.30
C GLU A 38 13.26 0.01 4.72
N VAL A 39 12.29 0.24 3.84
CA VAL A 39 10.88 -0.02 4.15
C VAL A 39 10.25 -0.99 3.15
N ARG A 40 9.55 -2.01 3.66
CA ARG A 40 8.77 -2.92 2.83
C ARG A 40 7.29 -2.55 2.93
N VAL A 41 6.68 -2.25 1.79
CA VAL A 41 5.24 -1.98 1.74
C VAL A 41 4.54 -3.14 1.04
N THR A 42 3.53 -3.69 1.68
CA THR A 42 2.76 -4.81 1.14
C THR A 42 1.29 -4.44 1.05
N VAL A 43 0.65 -4.70 -0.09
CA VAL A 43 -0.80 -4.53 -0.20
C VAL A 43 -1.49 -5.88 -0.01
N LEU A 44 -2.42 -5.92 0.94
CA LEU A 44 -3.15 -7.15 1.27
C LEU A 44 -4.63 -6.98 0.95
N ARG A 45 -5.21 -7.89 0.20
CA ARG A 45 -6.64 -7.83 -0.01
C ARG A 45 -7.29 -8.61 1.13
N GLU A 46 -8.29 -8.03 1.80
CA GLU A 46 -8.87 -8.71 2.96
C GLU A 46 -10.38 -8.80 2.90
N ALA A 47 -10.91 -10.02 3.07
CA ALA A 47 -12.35 -10.21 3.20
C ALA A 47 -12.58 -10.97 4.48
N GLY A 48 -12.81 -10.24 5.56
CA GLY A 48 -12.84 -10.86 6.88
C GLY A 48 -11.49 -11.49 7.12
N SER A 49 -11.49 -12.77 7.46
CA SER A 49 -10.24 -13.48 7.69
C SER A 49 -9.56 -13.98 6.40
N GLN A 50 -10.19 -13.77 5.24
CA GLN A 50 -9.53 -14.17 3.98
C GLN A 50 -8.54 -13.09 3.59
N VAL A 51 -7.26 -13.46 3.54
CA VAL A 51 -6.21 -12.49 3.28
C VAL A 51 -5.33 -12.96 2.13
N THR A 52 -5.08 -12.07 1.18
CA THR A 52 -4.28 -12.39 0.02
C THR A 52 -3.34 -11.21 -0.28
N GLU A 53 -2.07 -11.51 -0.56
CA GLU A 53 -1.10 -10.48 -0.91
C GLU A 53 -1.29 -10.07 -2.36
N VAL A 54 -1.47 -8.78 -2.60
CA VAL A 54 -1.66 -8.30 -3.96
C VAL A 54 -0.32 -7.98 -4.60
N CYS A 55 0.51 -7.22 -3.90
CA CYS A 55 1.80 -6.80 -4.46
C CYS A 55 2.61 -6.23 -3.30
N ALA A 56 3.90 -6.04 -3.52
CA ALA A 56 4.77 -5.59 -2.45
C ALA A 56 6.06 -5.04 -3.03
N GLY A 57 6.64 -4.06 -2.35
CA GLY A 57 7.90 -3.51 -2.81
C GLY A 57 8.73 -2.99 -1.66
N THR A 58 10.03 -2.85 -1.91
CA THR A 58 10.96 -2.27 -0.95
C THR A 58 11.42 -0.91 -1.47
N TYR A 59 11.57 0.06 -0.57
CA TYR A 59 12.15 1.34 -0.96
C TYR A 59 13.00 1.94 0.14
N MET A 60 13.84 2.88 -0.27
CA MET A 60 14.73 3.59 0.63
C MET A 60 14.13 4.96 0.94
N VAL A 61 13.98 5.24 2.22
CA VAL A 61 13.35 6.45 2.74
C VAL A 61 13.93 7.76 2.18
N GLU A 62 15.24 7.82 2.04
CA GLU A 62 15.91 9.05 1.60
C GLU A 62 15.82 9.27 0.09
N ASP A 63 15.25 8.29 -0.61
CA ASP A 63 15.08 8.42 -2.04
C ASP A 63 13.74 9.04 -2.36
N GLU A 64 13.50 9.14 -3.66
CA GLU A 64 12.25 9.60 -4.20
C GLU A 64 12.18 8.85 -5.51
N LEU A 65 11.44 7.74 -5.55
CA LEU A 65 11.40 6.95 -6.77
C LEU A 65 10.16 6.07 -6.98
N THR A 66 10.11 5.42 -8.13
CA THR A 66 9.07 4.49 -8.47
C THR A 66 9.58 3.11 -8.07
N PHE A 67 9.26 2.71 -6.83
CA PHE A 67 9.85 1.54 -6.24
C PHE A 67 9.08 0.27 -6.59
N LEU A 68 7.85 0.44 -7.08
CA LEU A 68 7.04 -0.74 -7.42
C LEU A 68 6.40 -0.61 -8.79
N ASP A 69 6.60 -1.60 -9.65
CA ASP A 69 5.97 -1.58 -10.96
C ASP A 69 5.91 -2.99 -11.52
N ASP A 70 5.10 -3.85 -10.91
CA ASP A 70 4.83 -5.13 -11.53
C ASP A 70 3.67 -4.91 -12.50
N SER A 71 3.06 -5.97 -13.00
CA SER A 71 1.97 -5.79 -13.96
C SER A 71 0.77 -5.09 -13.34
N THR A 72 0.61 -5.20 -12.02
CA THR A 72 -0.63 -4.81 -11.35
C THR A 72 -0.54 -3.61 -10.42
N CYS A 73 0.56 -3.48 -9.66
CA CYS A 73 0.72 -2.31 -8.80
C CYS A 73 1.83 -1.40 -9.29
N ILE A 74 1.62 -0.11 -9.11
CA ILE A 74 2.66 0.89 -9.30
C ILE A 74 2.75 1.66 -8.00
N GLY A 75 3.95 1.73 -7.43
CA GLY A 75 4.17 2.42 -6.19
C GLY A 75 5.30 3.41 -6.34
N THR A 76 5.03 4.62 -5.86
CA THR A 76 6.06 5.65 -5.75
C THR A 76 6.20 6.05 -4.29
N SER A 77 7.40 6.47 -3.92
CA SER A 77 7.70 6.70 -2.52
C SER A 77 8.44 8.02 -2.30
N ARG A 78 8.12 8.69 -1.20
CA ARG A 78 8.89 9.85 -0.74
C ARG A 78 8.85 9.90 0.78
N GLY A 79 9.99 9.63 1.40
CA GLY A 79 10.07 9.61 2.85
C GLY A 79 9.10 8.59 3.40
N ASN A 80 8.14 9.07 4.18
CA ASN A 80 7.22 8.17 4.87
C ASN A 80 5.88 8.05 4.15
N LYS A 81 5.80 8.58 2.93
CA LYS A 81 4.57 8.51 2.16
C LYS A 81 4.76 7.69 0.91
N VAL A 82 3.76 6.89 0.55
CA VAL A 82 3.75 6.22 -0.75
C VAL A 82 2.43 6.41 -1.47
N ASN A 83 2.49 6.45 -2.80
CA ASN A 83 1.31 6.32 -3.62
C ASN A 83 1.29 4.91 -4.16
N LEU A 84 0.12 4.30 -4.06
CA LEU A 84 -0.10 2.99 -4.63
C LEU A 84 -1.20 3.12 -5.68
N THR A 85 -1.02 2.42 -6.78
CA THR A 85 -1.96 2.41 -7.89
C THR A 85 -2.14 0.96 -8.31
N ILE A 86 -3.38 0.52 -8.40
CA ILE A 86 -3.66 -0.82 -8.88
C ILE A 86 -4.41 -0.68 -10.20
N GLN A 87 -3.95 -1.40 -11.21
CA GLN A 87 -4.54 -1.29 -12.54
C GLN A 87 -5.13 -2.62 -13.02
N GLY A 88 -5.81 -2.60 -14.15
CA GLY A 88 -6.51 -3.77 -14.62
C GLY A 88 -7.63 -4.24 -13.71
N LEU A 89 -8.22 -3.34 -12.93
CA LEU A 89 -9.29 -3.75 -12.02
C LEU A 89 -10.60 -4.01 -12.76
N ARG A 90 -11.33 -5.02 -12.30
CA ARG A 90 -12.71 -5.28 -12.74
C ARG A 90 -13.62 -5.32 -11.52
N ALA A 91 -14.93 -5.33 -11.75
CA ALA A 91 -15.90 -5.30 -10.66
C ALA A 91 -15.63 -6.36 -9.58
N MET A 92 -15.32 -7.58 -10.00
CA MET A 92 -15.03 -8.65 -9.04
C MET A 92 -13.82 -8.38 -8.15
N ASP A 93 -12.98 -7.42 -8.53
CA ASP A 93 -11.83 -7.03 -7.72
C ASP A 93 -12.18 -6.05 -6.62
N THR A 94 -13.44 -5.62 -6.60
CA THR A 94 -13.94 -4.76 -5.52
C THR A 94 -13.59 -5.39 -4.17
N GLY A 95 -13.04 -4.60 -3.25
CA GLY A 95 -12.71 -5.12 -1.95
C GLY A 95 -11.91 -4.16 -1.08
N LEU A 96 -11.47 -4.68 0.06
CA LEU A 96 -10.69 -3.89 1.00
C LEU A 96 -9.21 -4.17 0.81
N TYR A 97 -8.46 -3.11 0.49
CA TYR A 97 -7.04 -3.26 0.25
C TYR A 97 -6.25 -2.55 1.36
N VAL A 98 -5.55 -3.36 2.14
CA VAL A 98 -4.89 -2.93 3.37
C VAL A 98 -3.41 -2.71 3.13
N CYS A 99 -2.93 -1.54 3.53
CA CYS A 99 -1.52 -1.24 3.41
C CYS A 99 -0.79 -1.73 4.65
N LYS A 100 0.22 -2.57 4.46
CA LYS A 100 1.05 -3.03 5.56
C LYS A 100 2.48 -2.51 5.37
N VAL A 101 3.02 -1.92 6.42
CA VAL A 101 4.35 -1.33 6.35
C VAL A 101 5.31 -1.95 7.36
N GLU A 102 6.50 -2.35 6.90
CA GLU A 102 7.51 -2.91 7.77
C GLU A 102 8.81 -2.10 7.63
N LEU A 103 9.37 -1.67 8.76
CA LEU A 103 10.70 -1.05 8.77
C LEU A 103 11.72 -2.18 8.86
N MET A 104 12.41 -2.42 7.76
CA MET A 104 13.16 -3.66 7.56
C MET A 104 14.64 -3.55 7.93
N TYR A 105 15.15 -2.32 7.96
CA TYR A 105 16.55 -2.07 8.27
C TYR A 105 16.75 -0.56 8.44
N PRO A 106 17.46 -0.14 9.48
CA PRO A 106 18.16 -0.94 10.48
C PRO A 106 17.22 -1.44 11.57
N PRO A 107 17.68 -2.39 12.38
CA PRO A 107 16.96 -2.79 13.59
C PRO A 107 16.73 -1.59 14.50
N PRO A 108 15.68 -1.62 15.34
CA PRO A 108 14.76 -2.75 15.47
C PRO A 108 13.62 -2.77 14.44
N TYR A 109 13.11 -3.97 14.20
CA TYR A 109 12.00 -4.20 13.29
C TYR A 109 10.72 -3.57 13.83
N TYR A 110 9.97 -2.89 12.96
CA TYR A 110 8.63 -2.37 13.27
C TYR A 110 7.63 -2.81 12.20
N VAL A 111 6.40 -3.07 12.61
CA VAL A 111 5.35 -3.41 11.65
C VAL A 111 4.07 -2.64 11.98
N GLY A 112 3.36 -2.21 10.95
CA GLY A 112 2.06 -1.58 11.13
C GLY A 112 1.12 -1.89 9.98
N ILE A 113 -0.17 -1.85 10.28
CA ILE A 113 -1.19 -2.25 9.32
C ILE A 113 -2.22 -1.13 9.26
N GLY A 114 -2.62 -0.72 8.06
CA GLY A 114 -3.59 0.34 7.92
C GLY A 114 -5.01 -0.16 8.14
N ASN A 115 -5.99 0.73 8.07
CA ASN A 115 -7.38 0.37 8.28
C ASN A 115 -8.03 -0.16 7.00
N GLY A 116 -7.34 0.01 5.88
CA GLY A 116 -7.84 -0.51 4.62
C GLY A 116 -8.54 0.54 3.79
N THR A 117 -8.31 0.46 2.48
CA THR A 117 -9.00 1.29 1.53
C THR A 117 -10.00 0.41 0.80
N GLN A 118 -11.29 0.72 0.92
CA GLN A 118 -12.28 -0.04 0.17
C GLN A 118 -12.25 0.48 -1.27
N ILE A 119 -11.91 -0.39 -2.21
CA ILE A 119 -11.89 0.00 -3.62
C ILE A 119 -13.15 -0.48 -4.35
N TYR A 120 -13.95 0.46 -4.82
CA TYR A 120 -15.11 0.08 -5.64
C TYR A 120 -14.80 0.20 -7.12
N VAL A 121 -15.21 -0.81 -7.90
CA VAL A 121 -14.97 -0.84 -9.33
C VAL A 121 -16.29 -1.00 -10.07
N ILE A 122 -16.65 -0.02 -10.91
CA ILE A 122 -17.80 -0.19 -11.81
C ILE A 122 -17.34 -0.63 -13.19
N ASP A 123 -18.05 -1.58 -13.79
CA ASP A 123 -17.73 -1.98 -15.15
C ASP A 123 -18.31 -1.03 -16.19
#